data_6YYB
#
_entry.id   6YYB
#
_cell.length_a   47.680
_cell.length_b   64.087
_cell.length_c   47.972
_cell.angle_alpha   90.000
_cell.angle_beta   110.490
_cell.angle_gamma   90.000
#
_symmetry.space_group_name_H-M   'P 1 21 1'
#
loop_
_entity.id
_entity.type
_entity.pdbx_description
1 polymer 'Phosphoribosylaminoimidazole-succinocarboxamide synthase'
2 non-polymer 4-azanyl-6-[1-[(1~{R})-1-phenylethyl]pyrazol-4-yl]pyrimidine-5-carbonitrile
3 non-polymer 'SULFATE ION'
4 water water
#
_entity_poly.entity_id   1
_entity_poly.type   'polypeptide(L)'
_entity_poly.pdbx_seq_one_letter_code
;MSHHHHHHSMRPSLSDYQHVASGKVRELYRVDDEHLLFVATDRISAFDFVLDTPIPDKGRILTAMSVFFFGLLTVPNHLA
GPPDDPRIPEEVLGRALLVRRLDMLPVECVARGYLTGSGLLDYQRTGAVCGHVLPQGLGEASRLDPPLFTPATKADIGEH
DMNVDFAAVVGLVGAVRANQLRDETIKIYTRAAAHALHKGIILADTKFEFGVDIEGNLVLADEVFTPDSSRYWDAAHYQP
GVVQDSFDKQFVRNWLTGPESGWDRASDTPPPPLPDEVAVATRERYIEAYERISGLSFSDWIGPSA
;
_entity_poly.pdbx_strand_id   A
#
loop_
_chem_comp.id
_chem_comp.type
_chem_comp.name
_chem_comp.formula
Q0Q non-polymer 4-azanyl-6-[1-[(1~{R})-1-phenylethyl]pyrazol-4-yl]pyrimidine-5-carbonitrile 'C16 H14 N6'
SO4 non-polymer 'SULFATE ION' 'O4 S -2'
#
# COMPACT_ATOMS: atom_id res chain seq x y z
N MET A 10 23.47 22.07 1.38
CA MET A 10 23.32 21.50 0.03
C MET A 10 22.89 20.03 0.10
N ARG A 11 21.76 19.72 -0.52
CA ARG A 11 21.30 18.34 -0.56
C ARG A 11 22.05 17.58 -1.64
N PRO A 12 22.32 16.29 -1.38
CA PRO A 12 23.01 15.47 -2.40
C PRO A 12 22.14 15.28 -3.63
N SER A 13 22.77 14.91 -4.74
CA SER A 13 22.03 14.50 -5.93
C SER A 13 21.63 13.05 -5.77
N LEU A 14 20.48 12.69 -6.33
CA LEU A 14 20.04 11.31 -6.36
C LEU A 14 21.11 10.41 -6.99
N SER A 15 21.84 10.96 -7.95
CA SER A 15 22.90 10.24 -8.64
C SER A 15 24.08 9.87 -7.74
N ASP A 16 24.12 10.44 -6.53
CA ASP A 16 25.16 10.11 -5.56
C ASP A 16 24.86 8.77 -4.86
N TYR A 17 23.64 8.29 -4.99
CA TYR A 17 23.21 7.06 -4.35
C TYR A 17 23.06 5.92 -5.34
N GLN A 18 23.21 4.68 -4.87
CA GLN A 18 23.09 3.50 -5.74
C GLN A 18 21.68 2.93 -5.77
N HIS A 19 21.09 2.91 -6.95
CA HIS A 19 19.78 2.29 -7.16
C HIS A 19 19.86 0.80 -6.91
N VAL A 20 19.04 0.28 -6.00
CA VAL A 20 19.11 -1.13 -5.64
C VAL A 20 17.82 -1.91 -5.94
N ALA A 21 16.71 -1.19 -6.10
CA ALA A 21 15.46 -1.85 -6.44
C ALA A 21 14.47 -0.89 -7.07
N SER A 22 13.63 -1.45 -7.95
CA SER A 22 12.50 -0.72 -8.52
C SER A 22 11.23 -1.54 -8.44
N GLY A 23 10.14 -0.88 -8.06
CA GLY A 23 8.81 -1.45 -8.14
C GLY A 23 8.05 -0.71 -9.22
N LYS A 24 6.76 -1.02 -9.36
CA LYS A 24 5.92 -0.39 -10.38
C LYS A 24 5.87 1.13 -10.25
N VAL A 25 5.71 1.62 -9.02
CA VAL A 25 5.61 3.05 -8.79
C VAL A 25 6.49 3.53 -7.62
N ARG A 26 7.51 2.74 -7.29
CA ARG A 26 8.44 3.08 -6.22
C ARG A 26 9.88 2.72 -6.56
N GLU A 27 10.82 3.35 -5.88
CA GLU A 27 12.23 3.07 -6.10
C GLU A 27 12.97 3.00 -4.79
N LEU A 28 14.09 2.27 -4.78
CA LEU A 28 14.89 2.15 -3.56
C LEU A 28 16.37 2.39 -3.87
N TYR A 29 17.03 3.21 -3.04
CA TYR A 29 18.44 3.53 -3.21
C TYR A 29 19.24 3.30 -1.94
N ARG A 30 20.50 2.92 -2.12
CA ARG A 30 21.44 2.79 -1.00
C ARG A 30 22.09 4.12 -0.67
N VAL A 31 22.01 4.53 0.58
CA VAL A 31 22.58 5.78 1.05
C VAL A 31 23.94 5.51 1.72
N ASP A 32 23.95 4.58 2.66
CA ASP A 32 25.22 4.05 3.17
C ASP A 32 24.97 2.63 3.64
N ASP A 33 25.91 2.06 4.39
CA ASP A 33 25.81 0.64 4.74
C ASP A 33 24.58 0.30 5.58
N GLU A 34 24.02 1.30 6.26
CA GLU A 34 22.93 1.04 7.19
C GLU A 34 21.65 1.82 6.86
N HIS A 35 21.65 2.54 5.75
CA HIS A 35 20.49 3.38 5.40
C HIS A 35 20.14 3.32 3.92
N LEU A 36 18.84 3.37 3.64
CA LEU A 36 18.32 3.43 2.29
C LEU A 36 17.49 4.69 2.09
N LEU A 37 17.22 5.01 0.83
CA LEU A 37 16.29 6.06 0.46
C LEU A 37 15.10 5.44 -0.25
N PHE A 38 13.93 5.55 0.37
CA PHE A 38 12.70 4.99 -0.16
C PHE A 38 11.97 6.08 -0.96
N VAL A 39 11.84 5.88 -2.26
CA VAL A 39 11.27 6.90 -3.15
C VAL A 39 9.93 6.51 -3.76
N ALA A 40 8.91 7.34 -3.56
CA ALA A 40 7.63 7.16 -4.23
C ALA A 40 7.62 8.01 -5.49
N THR A 41 7.11 7.44 -6.59
CA THR A 41 7.02 8.21 -7.84
C THR A 41 5.59 8.70 -8.06
N ASP A 42 5.37 9.44 -9.14
CA ASP A 42 4.04 9.92 -9.49
C ASP A 42 3.30 8.95 -10.41
N ARG A 43 3.91 7.79 -10.69
CA ARG A 43 3.30 6.82 -11.58
C ARG A 43 2.09 6.16 -10.88
N ILE A 44 1.11 5.75 -11.68
CA ILE A 44 -0.09 5.08 -11.18
C ILE A 44 -0.38 3.79 -11.97
N SER A 45 -0.82 2.76 -11.26
CA SER A 45 -1.15 1.50 -11.88
C SER A 45 -2.65 1.27 -11.89
N ALA A 46 -3.17 0.78 -13.01
CA ALA A 46 -4.55 0.35 -13.10
C ALA A 46 -4.62 -0.88 -13.99
N PHE A 47 -5.44 -1.86 -13.59
CA PHE A 47 -5.54 -3.12 -14.32
C PHE A 47 -4.16 -3.74 -14.55
N ASP A 48 -3.30 -3.66 -13.54
CA ASP A 48 -1.94 -4.21 -13.58
C ASP A 48 -1.06 -3.62 -14.66
N PHE A 49 -1.45 -2.47 -15.19
CA PHE A 49 -0.58 -1.70 -16.08
C PHE A 49 -0.13 -0.43 -15.39
N VAL A 50 1.16 -0.13 -15.48
CA VAL A 50 1.63 1.21 -15.13
C VAL A 50 1.26 2.14 -16.26
N LEU A 51 0.41 3.12 -15.96
CA LEU A 51 -0.13 3.98 -17.01
C LEU A 51 0.90 4.98 -17.53
N ASP A 52 0.71 5.44 -18.76
CA ASP A 52 1.63 6.38 -19.40
C ASP A 52 1.66 7.72 -18.67
N THR A 53 0.50 8.09 -18.13
CA THR A 53 0.30 9.41 -17.55
C THR A 53 0.55 9.38 -16.05
N PRO A 54 1.47 10.22 -15.57
CA PRO A 54 1.66 10.34 -14.12
C PRO A 54 0.58 11.22 -13.48
N ILE A 55 0.37 11.01 -12.18
CA ILE A 55 -0.55 11.84 -11.39
C ILE A 55 0.24 12.88 -10.63
N PRO A 56 0.03 14.17 -10.94
CA PRO A 56 0.87 15.16 -10.26
C PRO A 56 0.76 15.11 -8.72
N ASP A 57 1.90 15.15 -8.04
CA ASP A 57 2.02 15.16 -6.58
C ASP A 57 1.66 13.84 -5.91
N LYS A 58 1.38 12.80 -6.69
CA LYS A 58 0.97 11.53 -6.10
C LYS A 58 2.06 10.97 -5.17
N GLY A 59 3.31 10.99 -5.60
CA GLY A 59 4.39 10.53 -4.75
C GLY A 59 4.48 11.25 -3.42
N ARG A 60 4.36 12.59 -3.47
CA ARG A 60 4.39 13.38 -2.25
C ARG A 60 3.19 13.09 -1.36
N ILE A 61 2.00 12.97 -1.96
CA ILE A 61 0.80 12.77 -1.15
C ILE A 61 0.89 11.42 -0.46
N LEU A 62 1.34 10.40 -1.18
CA LEU A 62 1.38 9.07 -0.59
C LEU A 62 2.47 8.96 0.47
N THR A 63 3.55 9.72 0.29
CA THR A 63 4.61 9.75 1.30
C THR A 63 4.08 10.44 2.56
N ALA A 64 3.40 11.56 2.39
CA ALA A 64 2.74 12.24 3.51
C ALA A 64 1.81 11.30 4.29
N MET A 65 1.03 10.51 3.54
CA MET A 65 0.10 9.55 4.12
C MET A 65 0.80 8.51 4.97
N SER A 66 1.87 7.96 4.41
CA SER A 66 2.63 6.93 5.10
CA SER A 66 2.63 6.93 5.09
C SER A 66 3.24 7.46 6.39
N VAL A 67 3.80 8.68 6.32
CA VAL A 67 4.40 9.33 7.47
C VAL A 67 3.36 9.56 8.57
N PHE A 68 2.17 9.98 8.17
CA PHE A 68 1.10 10.14 9.14
C PHE A 68 0.79 8.82 9.84
N PHE A 69 0.60 7.76 9.06
CA PHE A 69 0.21 6.48 9.65
C PHE A 69 1.32 5.87 10.51
N PHE A 70 2.59 6.03 10.11
CA PHE A 70 3.70 5.59 10.96
C PHE A 70 3.61 6.28 12.34
N GLY A 71 3.28 7.57 12.33
CA GLY A 71 3.15 8.34 13.56
C GLY A 71 1.97 7.94 14.42
N LEU A 72 0.92 7.44 13.78
CA LEU A 72 -0.29 7.01 14.47
C LEU A 72 -0.07 5.66 15.16
N LEU A 73 0.75 4.83 14.55
CA LEU A 73 1.01 3.49 15.06
C LEU A 73 2.15 3.51 16.09
N THR A 74 2.08 2.66 17.11
CA THR A 74 3.12 2.68 18.15
C THR A 74 4.26 1.69 17.88
N VAL A 75 4.15 0.91 16.81
CA VAL A 75 5.13 -0.12 16.51
C VAL A 75 6.42 0.46 15.90
N PRO A 76 7.55 -0.21 16.17
CA PRO A 76 8.82 0.20 15.57
C PRO A 76 8.72 0.20 14.07
N ASN A 77 9.29 1.22 13.44
CA ASN A 77 9.29 1.31 11.98
C ASN A 77 10.65 1.76 11.48
N HIS A 78 10.83 1.67 10.16
CA HIS A 78 12.17 1.81 9.60
C HIS A 78 12.56 3.25 9.31
N LEU A 79 11.71 4.21 9.69
CA LEU A 79 12.06 5.60 9.43
C LEU A 79 13.34 5.95 10.20
N ALA A 80 14.25 6.63 9.51
CA ALA A 80 15.56 6.93 10.09
C ALA A 80 15.86 8.41 10.12
N GLY A 81 14.89 9.23 9.75
CA GLY A 81 15.09 10.66 9.76
C GLY A 81 13.80 11.37 9.39
N PRO A 82 13.78 12.71 9.52
CA PRO A 82 12.60 13.53 9.22
C PRO A 82 12.35 13.67 7.72
N PRO A 83 11.13 14.05 7.30
CA PRO A 83 10.84 14.21 5.87
C PRO A 83 11.75 15.20 5.15
N ASP A 84 12.42 16.08 5.89
CA ASP A 84 13.33 17.04 5.27
C ASP A 84 14.80 16.75 5.61
N ASP A 85 15.09 15.51 6.03
CA ASP A 85 16.46 15.08 6.28
C ASP A 85 17.41 15.52 5.16
N PRO A 86 18.56 16.12 5.52
CA PRO A 86 19.45 16.69 4.50
C PRO A 86 20.01 15.66 3.54
N ARG A 87 19.94 14.38 3.88
CA ARG A 87 20.39 13.34 2.95
C ARG A 87 19.41 13.12 1.80
N ILE A 88 18.22 13.72 1.89
CA ILE A 88 17.24 13.58 0.83
C ILE A 88 17.47 14.61 -0.28
N PRO A 89 17.69 14.14 -1.51
CA PRO A 89 17.89 15.05 -2.65
C PRO A 89 16.70 15.96 -2.90
N GLU A 90 16.98 17.18 -3.35
CA GLU A 90 15.94 18.15 -3.67
C GLU A 90 14.89 17.58 -4.62
N GLU A 91 15.37 16.83 -5.62
CA GLU A 91 14.52 16.29 -6.67
C GLU A 91 13.39 15.40 -6.14
N VAL A 92 13.64 14.71 -5.03
CA VAL A 92 12.63 13.82 -4.47
C VAL A 92 12.10 14.30 -3.12
N LEU A 93 12.34 15.56 -2.80
CA LEU A 93 11.92 16.10 -1.50
C LEU A 93 10.40 16.07 -1.36
N GLY A 94 9.93 15.42 -0.31
CA GLY A 94 8.50 15.26 -0.12
C GLY A 94 7.97 13.90 -0.53
N ARG A 95 8.71 13.19 -1.39
CA ARG A 95 8.27 11.87 -1.84
C ARG A 95 9.36 10.82 -1.63
N ALA A 96 10.23 11.09 -0.67
CA ALA A 96 11.34 10.20 -0.37
C ALA A 96 11.63 10.19 1.13
N LEU A 97 11.97 9.02 1.65
CA LEU A 97 12.22 8.87 3.09
C LEU A 97 13.53 8.15 3.31
N LEU A 98 14.28 8.64 4.30
CA LEU A 98 15.51 7.96 4.74
C LEU A 98 15.09 6.87 5.73
N VAL A 99 15.50 5.65 5.48
CA VAL A 99 15.09 4.53 6.31
C VAL A 99 16.29 3.66 6.74
N ARG A 100 16.11 2.89 7.82
CA ARG A 100 17.15 1.98 8.31
C ARG A 100 17.16 0.72 7.48
N ARG A 101 18.33 0.21 7.13
CA ARG A 101 18.39 -1.05 6.40
C ARG A 101 18.04 -2.21 7.34
N LEU A 102 17.12 -3.06 6.91
CA LEU A 102 16.71 -4.23 7.68
C LEU A 102 16.92 -5.52 6.91
N ASP A 103 16.94 -6.64 7.62
CA ASP A 103 16.83 -7.93 6.96
C ASP A 103 15.35 -8.20 6.74
N MET A 104 14.90 -8.06 5.50
CA MET A 104 13.47 -8.19 5.19
C MET A 104 12.97 -9.63 5.29
N LEU A 105 11.78 -9.80 5.88
CA LEU A 105 11.14 -11.11 5.91
C LEU A 105 10.35 -11.35 4.62
N PRO A 106 10.49 -12.55 4.03
CA PRO A 106 9.91 -12.93 2.73
C PRO A 106 8.41 -13.26 2.78
N VAL A 107 7.64 -12.35 3.36
CA VAL A 107 6.20 -12.53 3.51
C VAL A 107 5.49 -11.22 3.21
N GLU A 108 4.54 -11.25 2.28
CA GLU A 108 3.61 -10.13 2.15
C GLU A 108 2.54 -10.26 3.22
N CYS A 109 2.58 -9.38 4.24
CA CYS A 109 1.63 -9.43 5.33
C CYS A 109 0.36 -8.64 5.00
N VAL A 110 -0.74 -9.36 4.81
CA VAL A 110 -1.98 -8.74 4.34
C VAL A 110 -3.06 -8.99 5.37
N ALA A 111 -3.80 -7.92 5.68
CA ALA A 111 -4.97 -8.02 6.53
C ALA A 111 -6.16 -7.61 5.69
N ARG A 112 -7.27 -8.33 5.83
CA ARG A 112 -8.49 -7.98 5.13
C ARG A 112 -9.61 -7.78 6.12
N GLY A 113 -10.21 -6.60 6.12
CA GLY A 113 -11.39 -6.37 6.93
C GLY A 113 -12.65 -6.65 6.12
N TYR A 114 -12.48 -6.75 4.81
CA TYR A 114 -13.60 -6.98 3.89
C TYR A 114 -13.17 -7.96 2.81
N LEU A 115 -14.13 -8.66 2.24
CA LEU A 115 -13.85 -9.75 1.30
C LEU A 115 -13.95 -9.26 -0.13
N THR A 116 -12.80 -9.11 -0.78
CA THR A 116 -12.78 -8.66 -2.19
C THR A 116 -11.51 -9.16 -2.86
N GLY A 117 -11.34 -8.89 -4.15
CA GLY A 117 -10.12 -9.30 -4.82
C GLY A 117 -9.85 -10.78 -4.74
N SER A 118 -8.58 -11.14 -4.56
CA SER A 118 -8.20 -12.54 -4.57
C SER A 118 -8.74 -13.26 -3.34
N GLY A 119 -9.02 -12.51 -2.27
CA GLY A 119 -9.57 -13.13 -1.07
C GLY A 119 -10.96 -13.64 -1.38
N LEU A 120 -11.77 -12.77 -1.96
CA LEU A 120 -13.09 -13.17 -2.41
C LEU A 120 -13.03 -14.34 -3.38
N LEU A 121 -12.13 -14.27 -4.36
CA LEU A 121 -12.01 -15.33 -5.36
C LEU A 121 -11.66 -16.65 -4.73
N ASP A 122 -10.69 -16.64 -3.82
CA ASP A 122 -10.30 -17.88 -3.15
C ASP A 122 -11.48 -18.45 -2.38
N TYR A 123 -12.23 -17.57 -1.72
CA TYR A 123 -13.42 -18.01 -1.00
C TYR A 123 -14.47 -18.61 -1.93
N GLN A 124 -14.68 -17.97 -3.07
CA GLN A 124 -15.71 -18.45 -4.00
C GLN A 124 -15.31 -19.77 -4.64
N ARG A 125 -14.01 -20.03 -4.69
CA ARG A 125 -13.50 -21.25 -5.27
C ARG A 125 -13.46 -22.40 -4.27
N THR A 126 -13.17 -22.10 -3.00
CA THR A 126 -12.83 -23.14 -2.03
C THR A 126 -13.62 -23.05 -0.72
N GLY A 127 -14.17 -21.88 -0.43
CA GLY A 127 -14.82 -21.63 0.85
C GLY A 127 -13.85 -21.16 1.93
N ALA A 128 -12.60 -21.01 1.54
CA ALA A 128 -11.55 -20.63 2.48
C ALA A 128 -10.65 -19.59 1.86
N VAL A 129 -9.98 -18.82 2.71
CA VAL A 129 -8.96 -17.87 2.27
C VAL A 129 -7.73 -18.00 3.17
N CYS A 130 -6.60 -18.35 2.57
CA CYS A 130 -5.34 -18.44 3.30
C CYS A 130 -5.46 -19.29 4.57
N GLY A 131 -6.23 -20.37 4.47
CA GLY A 131 -6.34 -21.32 5.57
C GLY A 131 -7.53 -21.06 6.46
N HIS A 132 -8.18 -19.91 6.27
CA HIS A 132 -9.36 -19.57 7.06
C HIS A 132 -10.63 -20.06 6.37
N VAL A 133 -11.28 -21.03 7.00
CA VAL A 133 -12.60 -21.50 6.54
C VAL A 133 -13.65 -20.51 7.05
N LEU A 134 -14.39 -19.93 6.11
CA LEU A 134 -15.28 -18.82 6.41
C LEU A 134 -16.73 -19.28 6.44
N PRO A 135 -17.60 -18.49 7.08
CA PRO A 135 -19.03 -18.78 7.02
C PRO A 135 -19.53 -18.83 5.59
N GLN A 136 -20.55 -19.65 5.33
CA GLN A 136 -21.20 -19.63 4.04
C GLN A 136 -22.01 -18.36 3.89
N GLY A 137 -22.26 -17.95 2.65
CA GLY A 137 -23.15 -16.84 2.38
C GLY A 137 -22.50 -15.48 2.20
N LEU A 138 -21.18 -15.42 2.21
CA LEU A 138 -20.48 -14.16 2.01
C LEU A 138 -20.35 -13.84 0.54
N GLY A 139 -20.08 -12.59 0.24
CA GLY A 139 -19.90 -12.18 -1.14
C GLY A 139 -19.05 -10.93 -1.26
N GLU A 140 -19.13 -10.31 -2.44
CA GLU A 140 -18.36 -9.12 -2.74
C GLU A 140 -18.53 -8.03 -1.66
N ALA A 141 -17.40 -7.60 -1.11
CA ALA A 141 -17.29 -6.53 -0.11
C ALA A 141 -18.00 -6.84 1.20
N SER A 142 -18.23 -8.12 1.47
CA SER A 142 -18.71 -8.55 2.78
C SER A 142 -17.75 -8.12 3.88
N ARG A 143 -18.28 -7.67 5.00
CA ARG A 143 -17.45 -7.37 6.16
C ARG A 143 -16.93 -8.66 6.78
N LEU A 144 -15.63 -8.70 7.06
CA LEU A 144 -15.02 -9.81 7.80
C LEU A 144 -14.81 -9.39 9.26
N ASP A 145 -15.29 -10.19 10.20
CA ASP A 145 -15.05 -9.86 11.60
C ASP A 145 -14.80 -11.16 12.34
N PRO A 146 -13.60 -11.30 12.91
CA PRO A 146 -12.50 -10.33 12.96
C PRO A 146 -11.79 -10.18 11.59
N PRO A 147 -10.92 -9.16 11.44
CA PRO A 147 -10.13 -9.10 10.20
C PRO A 147 -9.31 -10.36 10.02
N LEU A 148 -9.03 -10.74 8.78
CA LEU A 148 -8.21 -11.93 8.50
C LEU A 148 -6.78 -11.60 8.14
N PHE A 149 -5.84 -12.38 8.68
CA PHE A 149 -4.47 -12.39 8.20
C PHE A 149 -4.42 -13.29 6.96
N THR A 150 -4.17 -12.69 5.79
CA THR A 150 -4.19 -13.43 4.54
C THR A 150 -2.86 -13.22 3.81
N PRO A 151 -1.81 -13.90 4.28
CA PRO A 151 -0.45 -13.70 3.79
C PRO A 151 -0.27 -14.13 2.34
N ALA A 152 0.72 -13.52 1.69
CA ALA A 152 1.02 -13.89 0.31
C ALA A 152 2.53 -13.90 0.11
N THR A 153 2.96 -14.50 -1.00
CA THR A 153 4.37 -14.48 -1.38
C THR A 153 4.49 -13.88 -2.77
N LYS A 154 5.61 -13.20 -3.02
CA LYS A 154 5.86 -12.63 -4.34
C LYS A 154 6.18 -13.72 -5.36
N ALA A 155 5.69 -13.55 -6.57
CA ALA A 155 6.02 -14.47 -7.65
C ALA A 155 6.86 -13.75 -8.70
N ASP A 156 6.79 -14.22 -9.94
CA ASP A 156 7.58 -13.63 -11.03
C ASP A 156 7.12 -12.21 -11.37
N ILE A 157 7.93 -11.52 -12.18
CA ILE A 157 7.77 -10.10 -12.46
C ILE A 157 6.35 -9.66 -12.86
N GLY A 158 5.70 -10.42 -13.72
CA GLY A 158 4.38 -10.05 -14.19
C GLY A 158 3.26 -10.78 -13.48
N GLU A 159 3.61 -11.60 -12.52
CA GLU A 159 2.65 -12.45 -11.83
C GLU A 159 2.09 -11.79 -10.57
N HIS A 160 0.86 -12.13 -10.23
CA HIS A 160 0.27 -11.67 -8.97
C HIS A 160 0.91 -12.43 -7.82
N ASP A 161 0.90 -11.83 -6.63
CA ASP A 161 1.35 -12.51 -5.42
C ASP A 161 0.49 -13.76 -5.22
N MET A 162 1.05 -14.83 -4.65
CA MET A 162 0.24 -16.02 -4.44
C MET A 162 -0.16 -16.11 -2.97
N ASN A 163 -1.46 -16.27 -2.74
CA ASN A 163 -1.96 -16.39 -1.38
C ASN A 163 -1.52 -17.69 -0.75
N VAL A 164 -1.11 -17.62 0.51
CA VAL A 164 -0.65 -18.80 1.22
C VAL A 164 -1.26 -18.86 2.61
N ASP A 165 -1.15 -20.00 3.26
CA ASP A 165 -1.76 -20.11 4.59
C ASP A 165 -0.75 -19.88 5.72
N PHE A 166 -1.21 -20.01 6.96
CA PHE A 166 -0.34 -19.68 8.08
C PHE A 166 0.83 -20.66 8.11
N ALA A 167 0.58 -21.93 7.79
CA ALA A 167 1.66 -22.92 7.84
C ALA A 167 2.77 -22.54 6.86
N ALA A 168 2.40 -21.93 5.73
CA ALA A 168 3.41 -21.48 4.78
C ALA A 168 4.24 -20.38 5.39
N VAL A 169 3.58 -19.49 6.14
CA VAL A 169 4.31 -18.42 6.81
C VAL A 169 5.27 -18.99 7.86
N VAL A 170 4.81 -19.94 8.66
CA VAL A 170 5.70 -20.63 9.60
C VAL A 170 6.94 -21.18 8.89
N GLY A 171 6.72 -21.86 7.76
CA GLY A 171 7.82 -22.39 6.98
C GLY A 171 8.79 -21.33 6.45
N LEU A 172 8.33 -20.08 6.35
CA LEU A 172 9.17 -19.03 5.79
C LEU A 172 9.99 -18.28 6.84
N VAL A 173 9.43 -18.10 8.04
CA VAL A 173 10.08 -17.25 9.04
C VAL A 173 10.24 -17.82 10.44
N GLY A 174 9.63 -18.98 10.69
CA GLY A 174 9.67 -19.58 12.01
C GLY A 174 8.30 -19.54 12.67
N ALA A 175 8.04 -20.50 13.54
CA ALA A 175 6.74 -20.60 14.20
C ALA A 175 6.42 -19.39 15.07
N VAL A 176 7.35 -18.99 15.94
CA VAL A 176 7.11 -17.87 16.83
C VAL A 176 7.02 -16.58 16.01
N ARG A 177 7.93 -16.39 15.05
CA ARG A 177 7.90 -15.18 14.23
C ARG A 177 6.60 -15.07 13.42
N ALA A 178 6.12 -16.21 12.91
CA ALA A 178 4.86 -16.21 12.17
C ALA A 178 3.71 -15.73 13.04
N ASN A 179 3.66 -16.20 14.28
CA ASN A 179 2.67 -15.71 15.24
C ASN A 179 2.76 -14.20 15.39
N GLN A 180 3.99 -13.72 15.52
CA GLN A 180 4.23 -12.30 15.72
C GLN A 180 3.76 -11.49 14.52
N LEU A 181 4.09 -11.97 13.32
CA LEU A 181 3.67 -11.25 12.10
C LEU A 181 2.15 -11.18 12.04
N ARG A 182 1.49 -12.29 12.35
CA ARG A 182 0.04 -12.38 12.31
CA ARG A 182 0.04 -12.37 12.29
C ARG A 182 -0.58 -11.39 13.26
N ASP A 183 -0.12 -11.43 14.51
CA ASP A 183 -0.71 -10.60 15.55
C ASP A 183 -0.48 -9.12 15.28
N GLU A 184 0.74 -8.76 14.90
CA GLU A 184 1.04 -7.36 14.63
C GLU A 184 0.30 -6.84 13.40
N THR A 185 0.19 -7.67 12.36
CA THR A 185 -0.51 -7.26 11.14
C THR A 185 -1.95 -6.93 11.46
N ILE A 186 -2.61 -7.78 12.21
CA ILE A 186 -4.01 -7.57 12.55
CA ILE A 186 -4.00 -7.58 12.59
C ILE A 186 -4.16 -6.37 13.50
N LYS A 187 -3.25 -6.22 14.45
CA LYS A 187 -3.36 -5.11 15.42
C LYS A 187 -3.19 -3.77 14.73
N ILE A 188 -2.17 -3.67 13.87
CA ILE A 188 -1.90 -2.45 13.12
C ILE A 188 -3.05 -2.08 12.17
N TYR A 189 -3.51 -3.07 11.41
CA TYR A 189 -4.65 -2.86 10.53
C TYR A 189 -5.88 -2.39 11.29
N THR A 190 -6.19 -3.06 12.40
CA THR A 190 -7.37 -2.72 13.19
C THR A 190 -7.34 -1.26 13.64
N ARG A 191 -6.18 -0.83 14.13
CA ARG A 191 -6.01 0.54 14.61
C ARG A 191 -6.22 1.54 13.49
N ALA A 192 -5.54 1.33 12.37
CA ALA A 192 -5.61 2.27 11.25
C ALA A 192 -6.99 2.28 10.59
N ALA A 193 -7.60 1.10 10.47
CA ALA A 193 -8.93 1.01 9.87
C ALA A 193 -9.97 1.77 10.70
N ALA A 194 -9.91 1.60 12.02
CA ALA A 194 -10.84 2.32 12.88
C ALA A 194 -10.66 3.83 12.76
N HIS A 195 -9.40 4.29 12.72
CA HIS A 195 -9.11 5.72 12.57
C HIS A 195 -9.67 6.26 11.27
N ALA A 196 -9.41 5.54 10.18
CA ALA A 196 -9.85 6.00 8.87
C ALA A 196 -11.38 6.06 8.78
N LEU A 197 -12.04 5.05 9.34
CA LEU A 197 -13.48 4.95 9.24
C LEU A 197 -14.12 6.08 10.03
N HIS A 198 -13.43 6.49 11.09
CA HIS A 198 -13.93 7.61 11.90
C HIS A 198 -13.96 8.88 11.06
N LYS A 199 -13.13 8.90 10.02
CA LYS A 199 -12.97 10.04 9.12
C LYS A 199 -13.71 9.85 7.80
N GLY A 200 -14.46 8.77 7.68
CA GLY A 200 -15.29 8.54 6.52
C GLY A 200 -14.69 7.67 5.41
N ILE A 201 -13.58 7.01 5.71
CA ILE A 201 -12.91 6.20 4.71
C ILE A 201 -12.73 4.80 5.25
N ILE A 202 -13.17 3.82 4.47
CA ILE A 202 -12.90 2.43 4.80
C ILE A 202 -11.56 2.01 4.22
N LEU A 203 -10.71 1.44 5.06
CA LEU A 203 -9.51 0.75 4.59
C LEU A 203 -9.90 -0.71 4.52
N ALA A 204 -10.16 -1.21 3.31
CA ALA A 204 -10.78 -2.53 3.19
C ALA A 204 -9.78 -3.63 3.48
N ASP A 205 -8.52 -3.34 3.18
CA ASP A 205 -7.45 -4.30 3.34
C ASP A 205 -6.15 -3.55 3.27
N THR A 206 -5.03 -4.22 3.53
CA THR A 206 -3.75 -3.55 3.51
C THR A 206 -2.62 -4.57 3.42
N LYS A 207 -1.49 -4.15 2.82
CA LYS A 207 -0.31 -5.01 2.67
C LYS A 207 0.94 -4.34 3.27
N PHE A 208 1.62 -5.07 4.15
CA PHE A 208 2.85 -4.64 4.81
C PHE A 208 3.96 -5.59 4.46
N GLU A 209 5.19 -5.08 4.46
CA GLU A 209 6.35 -5.94 4.67
C GLU A 209 7.06 -5.54 5.96
N PHE A 210 7.62 -6.54 6.64
CA PHE A 210 8.40 -6.29 7.83
C PHE A 210 9.84 -6.71 7.63
N GLY A 211 10.72 -6.13 8.42
CA GLY A 211 12.09 -6.61 8.48
C GLY A 211 12.55 -6.77 9.90
N VAL A 212 13.76 -7.30 10.07
CA VAL A 212 14.30 -7.46 11.41
CA VAL A 212 14.32 -7.51 11.39
C VAL A 212 15.60 -6.70 11.55
N ASP A 213 15.76 -6.03 12.69
CA ASP A 213 16.98 -5.26 12.94
C ASP A 213 18.06 -6.14 13.57
N ILE A 214 19.16 -5.52 13.97
CA ILE A 214 20.34 -6.24 14.46
C ILE A 214 20.05 -7.00 15.75
N GLU A 215 19.12 -6.48 16.56
CA GLU A 215 18.81 -7.09 17.84
C GLU A 215 17.66 -8.10 17.72
N GLY A 216 17.19 -8.34 16.51
CA GLY A 216 16.15 -9.32 16.29
C GLY A 216 14.74 -8.77 16.39
N ASN A 217 14.63 -7.46 16.58
CA ASN A 217 13.33 -6.80 16.71
C ASN A 217 12.60 -6.69 15.37
N LEU A 218 11.29 -6.90 15.41
CA LEU A 218 10.43 -6.76 14.24
C LEU A 218 10.13 -5.28 13.96
N VAL A 219 10.38 -4.86 12.71
CA VAL A 219 10.24 -3.47 12.30
C VAL A 219 9.38 -3.35 11.05
N LEU A 220 8.34 -2.53 11.14
CA LEU A 220 7.50 -2.22 9.99
C LEU A 220 8.29 -1.42 8.95
N ALA A 221 8.29 -1.89 7.70
CA ALA A 221 9.23 -1.36 6.70
C ALA A 221 8.73 -1.48 5.28
N ASP A 222 7.92 -0.53 4.88
CA ASP A 222 7.54 -0.37 3.49
C ASP A 222 6.90 1.00 3.44
N GLU A 223 5.86 1.15 2.64
CA GLU A 223 4.95 2.25 2.77
C GLU A 223 3.76 1.69 3.54
N VAL A 224 3.09 2.51 4.32
CA VAL A 224 2.01 1.96 5.10
C VAL A 224 0.72 2.72 4.88
N PHE A 225 -0.32 1.97 4.56
CA PHE A 225 -1.69 2.46 4.42
C PHE A 225 -1.83 3.56 3.37
N THR A 226 -1.16 3.37 2.24
CA THR A 226 -1.39 4.22 1.08
C THR A 226 -2.48 3.60 0.23
N PRO A 227 -3.08 4.39 -0.68
CA PRO A 227 -4.11 3.81 -1.54
C PRO A 227 -3.53 2.82 -2.56
N ASP A 228 -2.22 2.71 -2.64
CA ASP A 228 -1.58 1.67 -3.45
C ASP A 228 -1.40 0.36 -2.65
N SER A 229 -1.19 0.48 -1.35
CA SER A 229 -0.94 -0.67 -0.48
C SER A 229 -2.23 -1.18 0.15
N SER A 230 -3.29 -0.38 -0.01
CA SER A 230 -4.53 -0.60 0.68
C SER A 230 -5.71 -0.18 -0.19
N ARG A 231 -6.83 -0.89 -0.12
CA ARG A 231 -8.03 -0.43 -0.82
C ARG A 231 -8.77 0.60 0.02
N TYR A 232 -8.76 1.84 -0.48
CA TYR A 232 -9.53 2.95 0.08
C TYR A 232 -10.93 2.95 -0.52
N TRP A 233 -11.95 2.93 0.35
CA TRP A 233 -13.34 3.10 -0.08
C TRP A 233 -13.97 4.30 0.63
N ASP A 234 -14.96 4.91 -0.02
CA ASP A 234 -15.79 5.90 0.64
C ASP A 234 -16.83 5.22 1.53
N ALA A 235 -16.74 5.42 2.82
CA ALA A 235 -17.63 4.76 3.76
C ALA A 235 -19.08 5.14 3.51
N ALA A 236 -19.30 6.37 3.05
CA ALA A 236 -20.66 6.87 2.86
C ALA A 236 -21.40 6.15 1.75
N HIS A 237 -20.65 5.43 0.91
CA HIS A 237 -21.26 4.68 -0.17
C HIS A 237 -21.01 3.19 -0.04
N TYR A 238 -20.60 2.75 1.14
CA TYR A 238 -20.33 1.33 1.31
C TYR A 238 -21.64 0.56 1.17
N GLN A 239 -21.67 -0.37 0.22
CA GLN A 239 -22.84 -1.20 -0.05
C GLN A 239 -22.41 -2.64 -0.27
N PRO A 240 -22.54 -3.50 0.74
CA PRO A 240 -22.12 -4.89 0.54
C PRO A 240 -22.88 -5.57 -0.61
N GLY A 241 -22.20 -6.45 -1.36
CA GLY A 241 -22.84 -7.18 -2.43
C GLY A 241 -22.49 -6.68 -3.83
N VAL A 242 -21.91 -5.50 -3.92
CA VAL A 242 -21.44 -4.97 -5.20
C VAL A 242 -19.99 -4.52 -5.08
N VAL A 243 -19.33 -4.31 -6.22
CA VAL A 243 -17.95 -3.87 -6.20
C VAL A 243 -17.88 -2.41 -5.79
N GLN A 244 -17.08 -2.10 -4.79
CA GLN A 244 -16.94 -0.75 -4.27
C GLN A 244 -16.02 0.07 -5.19
N ASP A 245 -16.39 1.31 -5.42
CA ASP A 245 -15.50 2.23 -6.15
C ASP A 245 -14.18 2.42 -5.42
N SER A 246 -13.09 2.47 -6.19
CA SER A 246 -11.79 2.86 -5.65
C SER A 246 -11.86 4.34 -5.31
N PHE A 247 -11.55 4.71 -4.08
CA PHE A 247 -11.68 6.11 -3.69
C PHE A 247 -10.76 6.96 -4.56
N ASP A 248 -9.58 6.43 -4.87
CA ASP A 248 -8.59 7.21 -5.61
C ASP A 248 -8.56 6.94 -7.11
N LYS A 249 -8.86 5.73 -7.53
CA LYS A 249 -8.62 5.33 -8.92
C LYS A 249 -9.88 5.13 -9.79
N GLN A 250 -11.06 5.45 -9.28
CA GLN A 250 -12.26 5.10 -10.05
C GLN A 250 -12.43 5.94 -11.31
N PHE A 251 -12.02 7.21 -11.26
CA PHE A 251 -12.05 8.05 -12.46
C PHE A 251 -11.17 7.47 -13.57
N VAL A 252 -9.95 7.09 -13.18
CA VAL A 252 -9.03 6.43 -14.09
C VAL A 252 -9.61 5.15 -14.66
N ARG A 253 -10.19 4.32 -13.80
CA ARG A 253 -10.77 3.06 -14.23
C ARG A 253 -11.95 3.27 -15.19
N ASN A 254 -12.83 4.21 -14.84
CA ASN A 254 -14.03 4.46 -15.63
C ASN A 254 -13.70 5.00 -17.02
N TRP A 255 -12.71 5.88 -17.10
CA TRP A 255 -12.37 6.43 -18.39
C TRP A 255 -11.74 5.35 -19.26
N LEU A 256 -10.74 4.65 -18.73
CA LEU A 256 -10.02 3.64 -19.48
C LEU A 256 -10.96 2.61 -20.09
N THR A 257 -12.01 2.27 -19.35
CA THR A 257 -12.97 1.28 -19.82
C THR A 257 -14.24 1.91 -20.41
N GLY A 258 -14.24 3.22 -20.56
CA GLY A 258 -15.39 3.93 -21.09
C GLY A 258 -15.36 4.04 -22.62
N PRO A 259 -16.28 4.84 -23.17
CA PRO A 259 -16.44 4.96 -24.63
C PRO A 259 -15.45 5.93 -25.29
N GLU A 260 -14.63 6.61 -24.49
CA GLU A 260 -13.72 7.61 -25.02
C GLU A 260 -12.27 7.16 -25.16
N SER A 261 -11.93 6.04 -24.53
CA SER A 261 -10.52 5.62 -24.49
C SER A 261 -10.08 4.91 -25.77
N GLY A 262 -11.02 4.20 -26.40
CA GLY A 262 -10.68 3.40 -27.56
C GLY A 262 -9.85 2.20 -27.18
N TRP A 263 -9.98 1.78 -25.92
CA TRP A 263 -9.17 0.69 -25.40
C TRP A 263 -10.05 -0.48 -24.97
N ASP A 264 -9.67 -1.68 -25.36
CA ASP A 264 -10.33 -2.89 -24.88
C ASP A 264 -9.46 -3.52 -23.79
N ARG A 265 -9.97 -3.54 -22.57
CA ARG A 265 -9.24 -4.10 -21.44
C ARG A 265 -8.87 -5.55 -21.69
N ALA A 266 -9.79 -6.30 -22.28
CA ALA A 266 -9.50 -7.67 -22.69
C ALA A 266 -8.61 -7.66 -23.92
N ASP A 268 -4.78 -7.70 -22.93
CA ASP A 268 -3.70 -7.04 -22.21
C ASP A 268 -2.89 -6.12 -23.13
N THR A 269 -3.60 -5.35 -23.95
CA THR A 269 -2.97 -4.28 -24.70
C THR A 269 -2.64 -3.16 -23.73
N PRO A 270 -1.43 -2.57 -23.84
CA PRO A 270 -1.11 -1.42 -22.99
C PRO A 270 -2.11 -0.30 -23.19
N PRO A 271 -2.70 0.20 -22.09
CA PRO A 271 -3.71 1.25 -22.15
C PRO A 271 -3.16 2.56 -22.68
N PRO A 272 -4.04 3.42 -23.23
CA PRO A 272 -3.62 4.73 -23.73
C PRO A 272 -3.39 5.73 -22.60
N PRO A 273 -2.72 6.85 -22.90
CA PRO A 273 -2.56 7.92 -21.91
C PRO A 273 -3.90 8.46 -21.42
N LEU A 274 -3.89 8.99 -20.21
CA LEU A 274 -5.08 9.56 -19.61
C LEU A 274 -5.28 11.00 -20.03
N PRO A 275 -6.54 11.42 -20.09
CA PRO A 275 -6.82 12.85 -20.22
C PRO A 275 -6.20 13.62 -19.05
N ASP A 276 -5.63 14.79 -19.34
CA ASP A 276 -5.10 15.67 -18.29
C ASP A 276 -6.14 15.88 -17.18
N GLU A 277 -7.40 16.08 -17.59
CA GLU A 277 -8.48 16.32 -16.62
C GLU A 277 -8.64 15.15 -15.65
N VAL A 278 -8.43 13.93 -16.14
CA VAL A 278 -8.59 12.75 -15.30
C VAL A 278 -7.44 12.66 -14.29
N ALA A 279 -6.23 13.00 -14.73
CA ALA A 279 -5.07 13.04 -13.85
C ALA A 279 -5.22 14.09 -12.76
N VAL A 280 -5.70 15.29 -13.11
CA VAL A 280 -5.94 16.35 -12.14
C VAL A 280 -7.02 15.97 -11.12
N ALA A 281 -8.10 15.37 -11.60
CA ALA A 281 -9.19 14.95 -10.72
C ALA A 281 -8.68 13.91 -9.74
N THR A 282 -7.76 13.08 -10.21
CA THR A 282 -7.22 11.98 -9.41
C THR A 282 -6.32 12.53 -8.32
N ARG A 283 -5.50 13.52 -8.67
CA ARG A 283 -4.67 14.20 -7.69
C ARG A 283 -5.54 14.77 -6.57
N GLU A 284 -6.67 15.34 -6.95
CA GLU A 284 -7.62 15.87 -5.98
C GLU A 284 -8.13 14.82 -5.02
N ARG A 285 -8.41 13.62 -5.52
CA ARG A 285 -8.89 12.53 -4.67
C ARG A 285 -7.83 12.11 -3.66
N TYR A 286 -6.57 12.05 -4.09
CA TYR A 286 -5.49 11.73 -3.15
C TYR A 286 -5.39 12.78 -2.04
N ILE A 287 -5.47 14.05 -2.42
CA ILE A 287 -5.42 15.12 -1.44
C ILE A 287 -6.59 15.05 -0.46
N GLU A 288 -7.78 14.78 -0.99
CA GLU A 288 -8.97 14.66 -0.17
C GLU A 288 -8.79 13.54 0.85
N ALA A 289 -8.35 12.39 0.38
CA ALA A 289 -8.13 11.23 1.26
C ALA A 289 -7.09 11.53 2.35
N TYR A 290 -5.95 12.10 1.96
CA TYR A 290 -4.92 12.49 2.91
C TYR A 290 -5.42 13.47 3.96
N GLU A 291 -6.09 14.53 3.54
CA GLU A 291 -6.45 15.58 4.48
C GLU A 291 -7.54 15.11 5.44
N ARG A 292 -8.45 14.29 4.95
CA ARG A 292 -9.49 13.75 5.82
C ARG A 292 -8.89 12.82 6.87
N ILE A 293 -7.99 11.94 6.45
CA ILE A 293 -7.45 10.95 7.39
C ILE A 293 -6.48 11.59 8.37
N SER A 294 -5.61 12.46 7.87
CA SER A 294 -4.55 13.02 8.70
C SER A 294 -5.02 14.21 9.55
N GLY A 295 -6.07 14.89 9.11
CA GLY A 295 -6.47 16.15 9.71
C GLY A 295 -5.46 17.26 9.47
N LEU A 296 -4.57 17.03 8.51
CA LEU A 296 -3.55 18.01 8.14
C LEU A 296 -3.85 18.59 6.76
N SER A 297 -3.12 19.64 6.38
CA SER A 297 -3.24 20.22 5.05
C SER A 297 -2.05 19.81 4.20
N PHE A 298 -2.32 19.30 3.01
CA PHE A 298 -1.25 18.90 2.11
C PHE A 298 -0.43 20.09 1.65
N SER A 299 -1.00 21.28 1.72
CA SER A 299 -0.28 22.49 1.37
C SER A 299 0.91 22.75 2.29
N ASP A 300 0.93 22.08 3.44
CA ASP A 300 2.00 22.20 4.42
C ASP A 300 3.10 21.19 4.20
N TRP A 301 2.84 20.20 3.34
CA TRP A 301 3.78 19.11 3.15
C TRP A 301 4.96 19.57 2.30
N ILE A 302 6.17 19.13 2.68
CA ILE A 302 7.37 19.62 2.03
C ILE A 302 7.42 19.18 0.57
N GLY A 303 8.13 19.96 -0.24
CA GLY A 303 8.33 19.64 -1.64
C GLY A 303 9.52 20.43 -2.18
N PRO A 304 9.86 20.21 -3.45
CA PRO A 304 10.99 20.91 -4.08
C PRO A 304 10.73 22.40 -4.24
C10 Q0Q B . 13.33 -3.27 0.98
N12 Q0Q B . 11.79 -3.51 -0.55
C13 Q0Q B . 10.55 -3.40 -1.25
C15 Q0Q B . 10.75 -2.25 -2.27
C17 Q0Q B . 10.77 0.09 -2.80
C20 Q0Q B . 11.15 -2.56 -3.55
C22 Q0Q B . 13.87 -3.97 -0.08
N01 Q0Q B . 14.08 -0.75 5.29
C02 Q0Q B . 14.45 -1.70 4.30
C03 Q0Q B . 13.64 -1.93 3.17
C04 Q0Q B . 12.36 -1.14 3.02
N05 Q0Q B . 11.40 -0.52 2.92
C06 Q0Q B . 14.07 -2.90 2.24
N07 Q0Q B . 15.24 -3.54 2.49
C08 Q0Q B . 15.96 -3.30 3.57
N09 Q0Q B . 15.58 -2.42 4.46
C11 Q0Q B . 12.01 -2.99 0.65
C14 Q0Q B . 10.18 -4.72 -1.93
C16 Q0Q B . 10.57 -0.93 -1.88
C18 Q0Q B . 11.16 -0.22 -4.09
C19 Q0Q B . 11.36 -1.53 -4.48
N21 Q0Q B . 12.91 -4.11 -1.03
S SO4 C . -5.79 -8.62 -3.96
O1 SO4 C . -4.62 -9.17 -3.29
O2 SO4 C . -5.46 -7.31 -4.50
O3 SO4 C . -6.91 -8.55 -3.01
O4 SO4 C . -6.17 -9.50 -5.05
#